data_2NA3
#
_entry.id   2NA3
#
_entity_poly.entity_id   1
_entity_poly.type   'polypeptide(L)'
_entity_poly.pdbx_seq_one_letter_code
;KRIVQRIKDFLR
;
_entity_poly.pdbx_strand_id   A
#
# COMPACT_ATOMS: atom_id res chain seq x y z
N LYS A 1 9.36 -3.15 -8.13
CA LYS A 1 7.95 -2.84 -7.95
C LYS A 1 7.64 -2.57 -6.48
N ARG A 2 7.19 -1.35 -6.18
CA ARG A 2 6.85 -0.96 -4.82
C ARG A 2 5.41 -1.30 -4.50
N ILE A 3 5.21 -2.22 -3.55
CA ILE A 3 3.87 -2.63 -3.15
C ILE A 3 3.43 -1.89 -1.88
N VAL A 4 4.33 -1.10 -1.33
CA VAL A 4 4.04 -0.34 -0.12
C VAL A 4 2.81 0.54 -0.30
N GLN A 5 2.60 0.99 -1.54
CA GLN A 5 1.46 1.85 -1.86
C GLN A 5 0.14 1.10 -1.66
N ARG A 6 0.20 -0.23 -1.78
CA ARG A 6 -0.99 -1.06 -1.61
C ARG A 6 -1.39 -1.16 -0.15
N ILE A 7 -0.39 -1.23 0.73
CA ILE A 7 -0.65 -1.32 2.16
C ILE A 7 -0.99 0.05 2.75
N LYS A 8 -0.10 1.02 2.54
CA LYS A 8 -0.31 2.37 3.05
C LYS A 8 -1.67 2.90 2.64
N ASP A 9 -2.16 2.44 1.48
CA ASP A 9 -3.45 2.87 0.97
C ASP A 9 -4.57 1.97 1.51
N PHE A 10 -4.23 0.73 1.80
CA PHE A 10 -5.20 -0.23 2.31
C PHE A 10 -5.73 0.21 3.67
N LEU A 11 -4.84 0.78 4.49
CA LEU A 11 -5.22 1.24 5.82
C LEU A 11 -6.09 2.49 5.74
N ARG A 12 -6.62 2.91 6.87
CA ARG A 12 -7.48 4.09 6.93
C ARG A 12 -6.72 5.29 7.49
N LYS A 1 9.38 -4.30 -7.62
CA LYS A 1 8.17 -3.50 -7.55
C LYS A 1 7.79 -3.19 -6.10
N ARG A 2 7.39 -1.96 -5.85
CA ARG A 2 7.01 -1.54 -4.50
C ARG A 2 5.53 -1.82 -4.25
N ILE A 3 5.24 -2.71 -3.32
CA ILE A 3 3.87 -3.06 -2.98
C ILE A 3 3.39 -2.30 -1.75
N VAL A 4 4.30 -1.54 -1.15
CA VAL A 4 3.97 -0.76 0.05
C VAL A 4 2.81 0.20 -0.23
N GLN A 5 2.70 0.65 -1.47
CA GLN A 5 1.63 1.56 -1.85
C GLN A 5 0.28 0.88 -1.77
N ARG A 6 0.27 -0.44 -1.90
CA ARG A 6 -0.97 -1.21 -1.84
C ARG A 6 -1.52 -1.25 -0.41
N ILE A 7 -0.61 -1.31 0.56
CA ILE A 7 -1.00 -1.35 1.96
C ILE A 7 -1.35 0.04 2.48
N LYS A 8 -0.41 0.97 2.35
CA LYS A 8 -0.61 2.34 2.80
C LYS A 8 -1.90 2.91 2.22
N ASP A 9 -2.26 2.45 1.03
CA ASP A 9 -3.47 2.92 0.35
C ASP A 9 -4.69 2.10 0.80
N PHE A 10 -4.45 0.84 1.13
CA PHE A 10 -5.52 -0.04 1.57
C PHE A 10 -6.21 0.50 2.83
N LEU A 11 -5.40 1.00 3.76
CA LEU A 11 -5.93 1.55 5.00
C LEU A 11 -6.81 2.76 4.72
N ARG A 12 -7.44 3.28 5.78
CA ARG A 12 -8.32 4.44 5.64
C ARG A 12 -7.55 5.73 5.89
N LYS A 1 8.93 -3.94 -8.32
CA LYS A 1 7.71 -3.19 -8.11
C LYS A 1 7.48 -2.94 -6.62
N ARG A 2 7.06 -1.72 -6.29
CA ARG A 2 6.80 -1.35 -4.90
C ARG A 2 5.36 -1.69 -4.51
N ILE A 3 5.20 -2.61 -3.58
CA ILE A 3 3.88 -3.01 -3.11
C ILE A 3 3.51 -2.30 -1.81
N VAL A 4 4.45 -1.52 -1.29
CA VAL A 4 4.22 -0.78 -0.05
C VAL A 4 3.01 0.13 -0.17
N GLN A 5 2.76 0.61 -1.38
CA GLN A 5 1.62 1.50 -1.64
C GLN A 5 0.30 0.77 -1.43
N ARG A 6 0.33 -0.56 -1.59
CA ARG A 6 -0.87 -1.37 -1.43
C ARG A 6 -1.26 -1.46 0.05
N ILE A 7 -0.26 -1.51 0.92
CA ILE A 7 -0.50 -1.59 2.36
C ILE A 7 -0.84 -0.23 2.94
N LYS A 8 0.06 0.72 2.74
CA LYS A 8 -0.14 2.08 3.25
C LYS A 8 -1.51 2.62 2.82
N ASP A 9 -1.97 2.17 1.66
CA ASP A 9 -3.26 2.62 1.14
C ASP A 9 -4.40 1.75 1.67
N PHE A 10 -4.08 0.48 1.95
CA PHE A 10 -5.07 -0.46 2.47
C PHE A 10 -5.63 0.03 3.79
N LEU A 11 -4.76 0.55 4.65
CA LEU A 11 -5.17 1.05 5.96
C LEU A 11 -5.97 2.33 5.82
N ARG A 12 -6.52 2.80 6.94
CA ARG A 12 -7.32 4.02 6.94
C ARG A 12 -6.60 5.14 7.70
N LYS A 1 8.95 -4.45 -8.05
CA LYS A 1 7.92 -3.44 -7.90
C LYS A 1 7.61 -3.20 -6.42
N ARG A 2 7.22 -1.98 -6.09
CA ARG A 2 6.90 -1.63 -4.71
C ARG A 2 5.42 -1.90 -4.41
N ILE A 3 5.18 -2.84 -3.50
CA ILE A 3 3.81 -3.19 -3.12
C ILE A 3 3.40 -2.48 -1.84
N VAL A 4 4.33 -1.75 -1.24
CA VAL A 4 4.06 -1.04 0.00
C VAL A 4 2.90 -0.07 -0.18
N GLN A 5 2.69 0.39 -1.42
CA GLN A 5 1.61 1.32 -1.72
C GLN A 5 0.25 0.64 -1.61
N ARG A 6 0.25 -0.67 -1.80
CA ARG A 6 -0.99 -1.45 -1.72
C ARG A 6 -1.47 -1.55 -0.27
N ILE A 7 -0.54 -1.45 0.67
CA ILE A 7 -0.88 -1.53 2.08
C ILE A 7 -1.16 -0.15 2.66
N LYS A 8 -0.19 0.75 2.53
CA LYS A 8 -0.35 2.11 3.03
C LYS A 8 -1.62 2.75 2.51
N ASP A 9 -2.02 2.38 1.30
CA ASP A 9 -3.24 2.91 0.70
C ASP A 9 -4.47 2.12 1.15
N PHE A 10 -4.24 0.86 1.52
CA PHE A 10 -5.33 0.00 1.97
C PHE A 10 -5.95 0.52 3.26
N LEU A 11 -5.14 0.63 4.30
CA LEU A 11 -5.60 1.13 5.59
C LEU A 11 -5.87 2.63 5.53
N ARG A 12 -6.52 3.15 6.57
CA ARG A 12 -6.84 4.57 6.64
C ARG A 12 -6.03 5.26 7.73
N LYS A 1 8.55 -4.61 -7.90
CA LYS A 1 7.91 -3.30 -7.74
C LYS A 1 7.59 -3.03 -6.27
N ARG A 2 7.21 -1.79 -5.99
CA ARG A 2 6.88 -1.39 -4.62
C ARG A 2 5.41 -1.65 -4.32
N ILE A 3 5.14 -2.55 -3.40
CA ILE A 3 3.77 -2.89 -3.02
C ILE A 3 3.34 -2.15 -1.75
N VAL A 4 4.28 -1.40 -1.17
CA VAL A 4 4.00 -0.64 0.03
C VAL A 4 2.85 0.32 -0.18
N GLN A 5 2.64 0.74 -1.41
CA GLN A 5 1.57 1.67 -1.75
C GLN A 5 0.21 0.98 -1.61
N ARG A 6 0.20 -0.34 -1.75
CA ARG A 6 -1.04 -1.10 -1.64
C ARG A 6 -1.51 -1.17 -0.18
N ILE A 7 -0.56 -1.24 0.73
CA ILE A 7 -0.87 -1.31 2.15
C ILE A 7 -1.19 0.07 2.72
N LYS A 8 -0.27 1.00 2.53
CA LYS A 8 -0.45 2.37 3.02
C LYS A 8 -1.78 2.95 2.53
N ASP A 9 -2.20 2.53 1.35
CA ASP A 9 -3.46 3.00 0.77
C ASP A 9 -4.62 2.16 1.25
N PHE A 10 -4.34 0.91 1.62
CA PHE A 10 -5.37 0.00 2.10
C PHE A 10 -5.99 0.52 3.39
N LEU A 11 -5.16 0.71 4.41
CA LEU A 11 -5.63 1.20 5.71
C LEU A 11 -6.00 2.68 5.63
N ARG A 12 -6.83 3.12 6.55
CA ARG A 12 -7.26 4.52 6.59
C ARG A 12 -6.62 5.25 7.77
N LYS A 1 8.83 -4.83 -7.50
CA LYS A 1 8.24 -3.49 -7.44
C LYS A 1 7.82 -3.15 -6.02
N ARG A 2 7.41 -1.91 -5.82
CA ARG A 2 6.97 -1.45 -4.50
C ARG A 2 5.48 -1.70 -4.30
N ILE A 3 5.15 -2.57 -3.35
CA ILE A 3 3.75 -2.90 -3.07
C ILE A 3 3.24 -2.10 -1.87
N VAL A 4 4.13 -1.33 -1.26
CA VAL A 4 3.76 -0.51 -0.10
C VAL A 4 2.61 0.42 -0.44
N GLN A 5 2.54 0.84 -1.70
CA GLN A 5 1.48 1.74 -2.16
C GLN A 5 0.11 1.07 -2.04
N ARG A 6 0.11 -0.27 -2.10
CA ARG A 6 -1.13 -1.02 -2.00
C ARG A 6 -1.62 -1.10 -0.55
N ILE A 7 -0.69 -1.34 0.36
CA ILE A 7 -1.02 -1.44 1.78
C ILE A 7 -1.27 -0.06 2.38
N LYS A 8 -0.29 0.83 2.22
CA LYS A 8 -0.39 2.18 2.74
C LYS A 8 -1.70 2.84 2.29
N ASP A 9 -2.15 2.49 1.09
CA ASP A 9 -3.37 3.04 0.55
C ASP A 9 -4.59 2.25 1.02
N PHE A 10 -4.37 0.97 1.33
CA PHE A 10 -5.45 0.10 1.79
C PHE A 10 -6.04 0.61 3.10
N LEU A 11 -5.20 0.73 4.11
CA LEU A 11 -5.64 1.20 5.43
C LEU A 11 -5.92 2.70 5.40
N ARG A 12 -6.56 3.20 6.44
CA ARG A 12 -6.89 4.62 6.53
C ARG A 12 -6.00 5.32 7.55
N LYS A 1 9.01 -4.12 -8.04
CA LYS A 1 8.07 -3.02 -7.91
C LYS A 1 7.76 -2.75 -6.44
N ARG A 2 7.25 -1.55 -6.16
CA ARG A 2 6.91 -1.16 -4.80
C ARG A 2 5.48 -1.57 -4.46
N ILE A 3 5.34 -2.48 -3.51
CA ILE A 3 4.03 -2.95 -3.09
C ILE A 3 3.55 -2.23 -1.83
N VAL A 4 4.41 -1.37 -1.28
CA VAL A 4 4.09 -0.62 -0.08
C VAL A 4 2.82 0.20 -0.28
N GLN A 5 2.58 0.62 -1.51
CA GLN A 5 1.40 1.41 -1.83
C GLN A 5 0.13 0.59 -1.67
N ARG A 6 0.26 -0.73 -1.80
CA ARG A 6 -0.88 -1.63 -1.67
C ARG A 6 -1.34 -1.72 -0.22
N ILE A 7 -0.38 -1.62 0.71
CA ILE A 7 -0.69 -1.69 2.13
C ILE A 7 -1.17 -0.34 2.66
N LYS A 8 -0.35 0.68 2.45
CA LYS A 8 -0.68 2.03 2.92
C LYS A 8 -2.06 2.45 2.39
N ASP A 9 -2.42 1.93 1.23
CA ASP A 9 -3.71 2.24 0.62
C ASP A 9 -4.80 1.30 1.12
N PHE A 10 -4.38 0.10 1.53
CA PHE A 10 -5.33 -0.90 2.02
C PHE A 10 -6.01 -0.42 3.29
N LEU A 11 -5.21 -0.09 4.31
CA LEU A 11 -5.74 0.38 5.58
C LEU A 11 -6.27 1.79 5.46
N ARG A 12 -6.91 2.29 6.52
CA ARG A 12 -7.47 3.63 6.53
C ARG A 12 -6.36 4.68 6.46
N LYS A 1 6.51 -2.81 -8.93
CA LYS A 1 7.65 -3.16 -8.10
C LYS A 1 7.38 -2.82 -6.63
N ARG A 2 6.93 -1.59 -6.40
CA ARG A 2 6.64 -1.13 -5.04
C ARG A 2 5.21 -1.47 -4.66
N ILE A 3 5.05 -2.32 -3.65
CA ILE A 3 3.73 -2.73 -3.19
C ILE A 3 3.31 -1.93 -1.95
N VAL A 4 4.22 -1.10 -1.46
CA VAL A 4 3.96 -0.27 -0.29
C VAL A 4 2.76 0.63 -0.52
N GLN A 5 2.56 1.04 -1.77
CA GLN A 5 1.45 1.92 -2.12
C GLN A 5 0.12 1.20 -1.93
N ARG A 6 0.15 -0.12 -1.93
CA ARG A 6 -1.06 -0.93 -1.77
C ARG A 6 -1.46 -1.00 -0.30
N ILE A 7 -0.52 -1.42 0.55
CA ILE A 7 -0.78 -1.54 1.98
C ILE A 7 -1.03 -0.17 2.60
N LYS A 8 -0.11 0.76 2.36
CA LYS A 8 -0.24 2.12 2.89
C LYS A 8 -1.61 2.71 2.57
N ASP A 9 -2.18 2.29 1.44
CA ASP A 9 -3.48 2.78 1.02
C ASP A 9 -4.60 1.90 1.58
N PHE A 10 -4.29 0.62 1.78
CA PHE A 10 -5.27 -0.33 2.32
C PHE A 10 -5.65 0.04 3.74
N LEU A 11 -4.75 0.70 4.44
CA LEU A 11 -5.00 1.11 5.83
C LEU A 11 -5.62 2.50 5.88
N ARG A 12 -6.06 2.90 7.07
CA ARG A 12 -6.68 4.21 7.25
C ARG A 12 -5.70 5.18 7.89
N LYS A 1 10.04 -3.78 -7.73
CA LYS A 1 8.69 -3.23 -7.69
C LYS A 1 8.23 -3.02 -6.25
N ARG A 2 7.83 -1.79 -5.94
CA ARG A 2 7.36 -1.46 -4.60
C ARG A 2 5.87 -1.71 -4.46
N ILE A 3 5.51 -2.66 -3.60
CA ILE A 3 4.11 -3.00 -3.38
C ILE A 3 3.57 -2.30 -2.13
N VAL A 4 4.45 -1.61 -1.42
CA VAL A 4 4.06 -0.89 -0.20
C VAL A 4 2.94 0.09 -0.49
N GLN A 5 2.85 0.56 -1.73
CA GLN A 5 1.81 1.50 -2.12
C GLN A 5 0.44 0.84 -2.11
N ARG A 6 0.42 -0.48 -2.28
CA ARG A 6 -0.84 -1.22 -2.29
C ARG A 6 -1.37 -1.42 -0.88
N ILE A 7 -0.46 -1.41 0.10
CA ILE A 7 -0.84 -1.57 1.49
C ILE A 7 -1.02 -0.23 2.18
N LYS A 8 0.02 0.61 2.12
CA LYS A 8 -0.03 1.93 2.74
C LYS A 8 -1.26 2.70 2.28
N ASP A 9 -1.70 2.43 1.05
CA ASP A 9 -2.88 3.09 0.50
C ASP A 9 -4.16 2.36 0.89
N PHE A 10 -4.04 1.04 1.08
CA PHE A 10 -5.19 0.22 1.45
C PHE A 10 -5.79 0.68 2.78
N LEU A 11 -4.92 0.92 3.76
CA LEU A 11 -5.36 1.37 5.07
C LEU A 11 -6.09 2.71 4.97
N ARG A 12 -6.79 3.07 6.04
CA ARG A 12 -7.55 4.32 6.08
C ARG A 12 -7.12 5.16 7.29
N LYS A 1 9.38 -4.49 -7.95
CA LYS A 1 8.19 -3.65 -7.86
C LYS A 1 7.83 -3.37 -6.40
N ARG A 2 7.43 -2.14 -6.12
CA ARG A 2 7.06 -1.75 -4.76
C ARG A 2 5.58 -2.03 -4.50
N ILE A 3 5.32 -2.93 -3.57
CA ILE A 3 3.93 -3.29 -3.23
C ILE A 3 3.47 -2.55 -1.98
N VAL A 4 4.39 -1.80 -1.37
CA VAL A 4 4.07 -1.03 -0.17
C VAL A 4 2.90 -0.09 -0.40
N GLN A 5 2.73 0.32 -1.65
CA GLN A 5 1.64 1.23 -2.01
C GLN A 5 0.29 0.53 -1.91
N ARG A 6 0.30 -0.79 -2.05
CA ARG A 6 -0.92 -1.57 -1.97
C ARG A 6 -1.43 -1.65 -0.54
N ILE A 7 -0.51 -1.68 0.41
CA ILE A 7 -0.86 -1.75 1.83
C ILE A 7 -1.20 -0.37 2.38
N LYS A 8 -0.28 0.58 2.22
CA LYS A 8 -0.50 1.94 2.69
C LYS A 8 -1.80 2.50 2.15
N ASP A 9 -2.18 2.08 0.95
CA ASP A 9 -3.41 2.55 0.33
C ASP A 9 -4.60 1.71 0.78
N PHE A 10 -4.32 0.47 1.18
CA PHE A 10 -5.37 -0.44 1.64
C PHE A 10 -6.03 0.09 2.91
N LEU A 11 -5.23 0.27 3.95
CA LEU A 11 -5.74 0.76 5.23
C LEU A 11 -6.09 2.24 5.13
N ARG A 12 -6.78 2.75 6.15
CA ARG A 12 -7.18 4.15 6.19
C ARG A 12 -6.53 4.88 7.36
N LYS A 1 9.06 -4.28 -7.96
CA LYS A 1 7.88 -3.41 -7.87
C LYS A 1 7.58 -3.07 -6.42
N ARG A 2 6.99 -1.90 -6.20
CA ARG A 2 6.64 -1.45 -4.85
C ARG A 2 5.25 -1.94 -4.46
N ILE A 3 5.21 -2.80 -3.45
CA ILE A 3 3.94 -3.35 -2.97
C ILE A 3 3.43 -2.59 -1.75
N VAL A 4 4.21 -1.60 -1.32
CA VAL A 4 3.83 -0.80 -0.16
C VAL A 4 2.57 0.00 -0.42
N GLN A 5 2.34 0.34 -1.69
CA GLN A 5 1.16 1.11 -2.07
C GLN A 5 -0.11 0.30 -1.82
N ARG A 6 0.02 -1.02 -1.79
CA ARG A 6 -1.11 -1.90 -1.56
C ARG A 6 -1.50 -1.92 -0.09
N ILE A 7 -0.50 -2.05 0.77
CA ILE A 7 -0.74 -2.09 2.21
C ILE A 7 -1.05 -0.69 2.75
N LYS A 8 -0.17 0.26 2.48
CA LYS A 8 -0.35 1.63 2.94
C LYS A 8 -1.73 2.15 2.55
N ASP A 9 -2.25 1.67 1.42
CA ASP A 9 -3.56 2.08 0.94
C ASP A 9 -4.65 1.19 1.53
N PHE A 10 -4.29 -0.05 1.84
CA PHE A 10 -5.25 -0.99 2.40
C PHE A 10 -5.83 -0.48 3.72
N LEU A 11 -4.95 -0.20 4.67
CA LEU A 11 -5.36 0.31 5.97
C LEU A 11 -5.81 1.75 5.88
N ARG A 12 -6.44 2.24 6.94
CA ARG A 12 -6.92 3.62 6.98
C ARG A 12 -5.90 4.54 7.63
N LYS A 1 7.88 -4.94 -7.90
CA LYS A 1 7.81 -3.49 -7.70
C LYS A 1 7.32 -3.17 -6.30
N ARG A 2 7.50 -1.92 -5.88
CA ARG A 2 7.08 -1.48 -4.56
C ARG A 2 5.63 -1.85 -4.30
N ILE A 3 5.41 -2.73 -3.33
CA ILE A 3 4.06 -3.16 -2.98
C ILE A 3 3.53 -2.39 -1.78
N VAL A 4 4.34 -1.47 -1.27
CA VAL A 4 3.95 -0.66 -0.12
C VAL A 4 2.71 0.17 -0.43
N GLN A 5 2.56 0.56 -1.69
CA GLN A 5 1.42 1.37 -2.12
C GLN A 5 0.12 0.58 -1.96
N ARG A 6 0.22 -0.74 -1.97
CA ARG A 6 -0.95 -1.60 -1.83
C ARG A 6 -1.46 -1.58 -0.39
N ILE A 7 -0.54 -1.54 0.57
CA ILE A 7 -0.91 -1.52 1.98
C ILE A 7 -1.34 -0.12 2.41
N LYS A 8 -0.47 0.87 2.20
CA LYS A 8 -0.77 2.25 2.56
C LYS A 8 -2.11 2.68 1.97
N ASP A 9 -2.47 2.12 0.83
CA ASP A 9 -3.72 2.45 0.17
C ASP A 9 -4.86 1.56 0.68
N PHE A 10 -4.50 0.36 1.11
CA PHE A 10 -5.48 -0.59 1.62
C PHE A 10 -6.21 -0.03 2.84
N LEU A 11 -5.43 0.58 3.73
CA LEU A 11 -5.99 1.17 4.96
C LEU A 11 -6.98 2.27 4.62
N ARG A 12 -7.67 2.77 5.64
CA ARG A 12 -8.65 3.84 5.46
C ARG A 12 -8.03 5.03 4.72
N LYS A 1 5.69 -2.11 -9.30
CA LYS A 1 6.53 -3.01 -8.53
C LYS A 1 6.32 -2.80 -7.04
N ARG A 2 6.58 -1.58 -6.57
CA ARG A 2 6.43 -1.24 -5.16
C ARG A 2 5.04 -1.65 -4.66
N ILE A 3 5.02 -2.60 -3.73
CA ILE A 3 3.75 -3.08 -3.17
C ILE A 3 3.46 -2.42 -1.83
N VAL A 4 4.37 -1.55 -1.40
CA VAL A 4 4.21 -0.84 -0.13
C VAL A 4 3.03 0.13 -0.19
N GLN A 5 2.80 0.70 -1.37
CA GLN A 5 1.70 1.64 -1.56
C GLN A 5 0.36 0.92 -1.54
N ARG A 6 0.39 -0.41 -1.60
CA ARG A 6 -0.82 -1.22 -1.60
C ARG A 6 -1.34 -1.40 -0.19
N ILE A 7 -0.43 -1.40 0.79
CA ILE A 7 -0.82 -1.57 2.18
C ILE A 7 -1.03 -0.22 2.86
N LYS A 8 -0.02 0.64 2.79
CA LYS A 8 -0.11 1.96 3.39
C LYS A 8 -1.36 2.70 2.92
N ASP A 9 -1.78 2.43 1.69
CA ASP A 9 -2.96 3.05 1.12
C ASP A 9 -4.22 2.27 1.50
N PHE A 10 -4.05 0.98 1.75
CA PHE A 10 -5.17 0.12 2.12
C PHE A 10 -5.80 0.57 3.43
N LEU A 11 -4.95 0.87 4.41
CA LEU A 11 -5.42 1.31 5.72
C LEU A 11 -6.17 2.64 5.61
N ARG A 12 -6.77 3.06 6.71
CA ARG A 12 -7.52 4.30 6.74
C ARG A 12 -6.69 5.42 7.38
N LYS A 1 5.03 -2.27 -9.41
CA LYS A 1 6.04 -3.04 -8.70
C LYS A 1 5.92 -2.82 -7.20
N ARG A 2 6.19 -1.59 -6.76
CA ARG A 2 6.11 -1.25 -5.34
C ARG A 2 4.77 -1.68 -4.75
N ILE A 3 4.82 -2.62 -3.82
CA ILE A 3 3.61 -3.12 -3.18
C ILE A 3 3.39 -2.46 -1.83
N VAL A 4 4.31 -1.57 -1.46
CA VAL A 4 4.22 -0.87 -0.18
C VAL A 4 3.03 0.09 -0.17
N GLN A 5 2.68 0.60 -1.35
CA GLN A 5 1.56 1.54 -1.47
C GLN A 5 0.23 0.79 -1.35
N ARG A 6 0.29 -0.54 -1.44
CA ARG A 6 -0.92 -1.36 -1.34
C ARG A 6 -1.34 -1.52 0.11
N ILE A 7 -0.38 -1.50 1.02
CA ILE A 7 -0.66 -1.65 2.44
C ILE A 7 -0.89 -0.29 3.10
N LYS A 8 0.08 0.61 2.94
CA LYS A 8 -0.03 1.95 3.52
C LYS A 8 -1.35 2.61 3.11
N ASP A 9 -1.82 2.29 1.92
CA ASP A 9 -3.07 2.86 1.41
C ASP A 9 -4.27 2.02 1.87
N PHE A 10 -4.03 0.75 2.14
CA PHE A 10 -5.08 -0.14 2.58
C PHE A 10 -5.66 0.31 3.92
N LEU A 11 -4.78 0.58 4.87
CA LEU A 11 -5.20 1.04 6.20
C LEU A 11 -6.06 2.29 6.09
N ARG A 12 -6.61 2.72 7.23
CA ARG A 12 -7.45 3.91 7.28
C ARG A 12 -6.76 5.04 8.03
N LYS A 1 6.42 -1.35 -9.49
CA LYS A 1 7.03 -2.42 -8.72
C LYS A 1 6.61 -2.33 -7.25
N ARG A 2 6.91 -1.21 -6.62
CA ARG A 2 6.56 -1.00 -5.22
C ARG A 2 5.09 -1.31 -4.98
N ILE A 3 4.83 -2.34 -4.17
CA ILE A 3 3.46 -2.74 -3.87
C ILE A 3 3.02 -2.18 -2.51
N VAL A 4 3.91 -1.43 -1.87
CA VAL A 4 3.62 -0.83 -0.58
C VAL A 4 2.43 0.13 -0.67
N GLN A 5 2.28 0.75 -1.83
CA GLN A 5 1.19 1.69 -2.06
C GLN A 5 -0.17 0.98 -2.01
N ARG A 6 -0.16 -0.32 -2.29
CA ARG A 6 -1.38 -1.11 -2.28
C ARG A 6 -1.88 -1.33 -0.86
N ILE A 7 -0.94 -1.55 0.06
CA ILE A 7 -1.29 -1.77 1.46
C ILE A 7 -1.64 -0.46 2.16
N LYS A 8 -0.72 0.50 2.11
CA LYS A 8 -0.93 1.80 2.74
C LYS A 8 -2.24 2.42 2.27
N ASP A 9 -2.62 2.12 1.04
CA ASP A 9 -3.86 2.65 0.48
C ASP A 9 -5.04 1.75 0.81
N PHE A 10 -4.75 0.48 1.05
CA PHE A 10 -5.79 -0.49 1.39
C PHE A 10 -6.47 -0.13 2.71
N LEU A 11 -5.68 -0.04 3.77
CA LEU A 11 -6.20 0.30 5.09
C LEU A 11 -6.58 1.77 5.16
N ARG A 12 -7.23 2.16 6.25
CA ARG A 12 -7.65 3.55 6.44
C ARG A 12 -6.58 4.34 7.19
#